data_2PUK
#
_entry.id   2PUK
#
_cell.length_a   53.952
_cell.length_b   42.223
_cell.length_c   145.344
_cell.angle_alpha   90.00
_cell.angle_beta   90.29
_cell.angle_gamma   90.00
#
_symmetry.space_group_name_H-M   'P 1 21 1'
#
loop_
_entity.id
_entity.type
_entity.pdbx_description
1 polymer 'Ferredoxin-thioredoxin reductase, catalytic chain'
2 polymer 'Ferredoxin-thioredoxin reductase, variable chain'
3 polymer 'Thioredoxin M-type, chloroplast (TRX-M)'
4 non-polymer 'IRON/SULFUR CLUSTER'
#
loop_
_entity_poly.entity_id
_entity_poly.type
_entity_poly.pdbx_seq_one_letter_code
_entity_poly.pdbx_strand_id
1 'polypeptide(L)'
;NNKTLAAMKNFAEQYAKRTDTYFCSDLSVTAVVIEGLARHKEELGSPLCPCRHYEDKEAEVKNTFWNCPCVPMRERKECH
CMLFLTPDNDFAGDAQDIPMETLEEVKAS
;
A,E
2 'polypeptide(L)' MNVGDRVRVTSSVVVYHHPEHKKTAFDLQGMEGEVAAVLTEWQGRPISANLPVLVKFEQRFKAHFRPDEVTLI B,F
3 'polypeptide(L)'
;EVQDVNDSSWKEFVLESEVPVMVDFWAPWCGPSKLIAPVIDELAKEYSGKIAVYKLNTDEAPGIATQYNIRSIPTVLFFK
NGERKESIIGAVPKSTLTDSIEKYLS
;
C,G
#
# COMPACT_ATOMS: atom_id res chain seq x y z
N ASN A 2 4.97 -2.62 21.30
CA ASN A 2 4.00 -2.16 20.26
C ASN A 2 4.02 -3.06 19.02
N LYS A 3 2.86 -3.15 18.38
CA LYS A 3 2.74 -3.84 17.09
C LYS A 3 2.89 -2.84 15.94
N THR A 4 2.56 -1.58 16.22
CA THR A 4 2.67 -0.51 15.22
C THR A 4 4.13 -0.16 14.98
N LEU A 5 4.89 -0.02 16.06
CA LEU A 5 6.33 0.24 16.01
C LEU A 5 7.04 -0.85 15.22
N ALA A 6 6.66 -2.11 15.47
CA ALA A 6 7.20 -3.25 14.76
C ALA A 6 6.89 -3.20 13.26
N ALA A 7 5.68 -2.75 12.94
CA ALA A 7 5.25 -2.59 11.55
C ALA A 7 6.03 -1.48 10.87
N MET A 8 6.24 -0.39 11.61
CA MET A 8 6.98 0.77 11.15
C MET A 8 8.45 0.41 10.92
N LYS A 9 9.04 -0.25 11.92
CA LYS A 9 10.40 -0.77 11.85
C LYS A 9 10.62 -1.54 10.55
N ASN A 10 9.72 -2.48 10.27
CA ASN A 10 9.81 -3.32 9.09
C ASN A 10 9.79 -2.57 7.78
N PHE A 11 8.90 -1.57 7.70
CA PHE A 11 8.77 -0.76 6.50
C PHE A 11 10.07 -0.03 6.22
N ALA A 12 10.64 0.59 7.26
CA ALA A 12 11.89 1.33 7.16
C ALA A 12 13.03 0.45 6.68
N GLU A 13 13.13 -0.74 7.26
CA GLU A 13 14.17 -1.71 6.93
C GLU A 13 14.01 -2.24 5.50
N GLN A 14 12.81 -2.68 5.17
CA GLN A 14 12.51 -3.16 3.82
C GLN A 14 12.68 -2.08 2.74
N TYR A 15 12.11 -0.91 2.99
CA TYR A 15 12.14 0.19 2.02
C TYR A 15 13.57 0.70 1.78
N ALA A 16 14.38 0.78 2.83
CA ALA A 16 15.77 1.22 2.73
C ALA A 16 16.56 0.34 1.76
N LYS A 17 16.42 -0.97 1.92
CA LYS A 17 17.06 -1.96 1.05
C LYS A 17 16.59 -1.84 -0.39
N ARG A 18 15.29 -1.61 -0.58
CA ARG A 18 14.66 -1.56 -1.91
C ARG A 18 15.03 -0.29 -2.69
N THR A 19 15.65 0.66 -1.99
CA THR A 19 15.92 1.99 -2.54
C THR A 19 17.40 2.38 -2.51
N ASP A 20 18.23 1.50 -1.95
CA ASP A 20 19.68 1.70 -1.83
C ASP A 20 20.05 2.83 -0.87
N THR A 21 19.25 2.97 0.19
CA THR A 21 19.48 3.98 1.22
C THR A 21 19.83 3.34 2.55
N TYR A 22 20.55 4.08 3.39
CA TYR A 22 21.11 3.54 4.61
C TYR A 22 20.67 4.38 5.81
N PHE A 23 20.59 3.75 6.98
CA PHE A 23 20.22 4.47 8.19
C PHE A 23 21.36 5.34 8.69
N CYS A 24 21.01 6.32 9.52
CA CYS A 24 21.97 7.20 10.16
C CYS A 24 23.03 6.43 10.95
N SER A 25 24.27 6.93 10.95
CA SER A 25 25.35 6.31 11.73
C SER A 25 25.08 6.48 13.24
N ASP A 26 24.16 7.37 13.57
CA ASP A 26 23.63 7.50 14.92
C ASP A 26 22.21 6.95 14.91
N LEU A 27 22.09 5.64 15.18
CA LEU A 27 20.81 4.94 15.05
C LEU A 27 19.71 5.47 15.96
N SER A 28 20.08 6.18 17.02
CA SER A 28 19.11 6.86 17.89
C SER A 28 18.29 7.89 17.10
N VAL A 29 18.89 8.47 16.07
CA VAL A 29 18.20 9.36 15.13
C VAL A 29 17.19 8.59 14.29
N THR A 30 17.62 7.45 13.75
CA THR A 30 16.73 6.57 12.99
C THR A 30 15.58 6.13 13.90
N ALA A 31 15.91 5.81 15.14
CA ALA A 31 14.94 5.37 16.13
C ALA A 31 13.88 6.44 16.40
N VAL A 32 14.32 7.68 16.58
CA VAL A 32 13.41 8.79 16.82
C VAL A 32 12.36 8.91 15.70
N VAL A 33 12.84 8.97 14.46
CA VAL A 33 11.98 9.11 13.28
C VAL A 33 10.94 7.99 13.21
N ILE A 34 11.41 6.75 13.18
CA ILE A 34 10.53 5.59 13.10
C ILE A 34 9.40 5.71 14.11
N GLU A 35 9.75 6.01 15.36
CA GLU A 35 8.77 6.14 16.45
C GLU A 35 7.79 7.30 16.21
N GLY A 36 8.28 8.38 15.62
CA GLY A 36 7.45 9.54 15.27
C GLY A 36 6.48 9.21 14.14
N LEU A 37 6.96 8.40 13.19
CA LEU A 37 6.11 7.90 12.11
C LEU A 37 5.00 7.00 12.67
N ALA A 38 5.38 6.18 13.65
CA ALA A 38 4.47 5.26 14.31
C ALA A 38 3.39 6.01 15.08
N ARG A 39 3.80 7.02 15.86
CA ARG A 39 2.86 7.85 16.63
C ARG A 39 1.88 8.57 15.72
N HIS A 40 2.34 8.91 14.52
CA HIS A 40 1.51 9.58 13.53
C HIS A 40 0.60 8.58 12.83
N LYS A 41 1.11 7.37 12.62
CA LYS A 41 0.33 6.27 12.09
C LYS A 41 -0.87 5.98 12.99
N GLU A 42 -0.65 6.07 14.30
CA GLU A 42 -1.68 5.76 15.28
C GLU A 42 -2.82 6.78 15.32
N GLU A 43 -2.48 8.05 15.49
CA GLU A 43 -3.50 9.08 15.71
C GLU A 43 -4.11 9.66 14.44
N LEU A 44 -3.44 9.46 13.30
CA LEU A 44 -3.84 10.12 12.04
C LEU A 44 -4.27 9.15 10.94
N GLY A 45 -3.86 7.89 11.06
CA GLY A 45 -4.13 6.88 10.04
C GLY A 45 -2.89 6.56 9.22
N SER A 46 -2.32 7.59 8.60
CA SER A 46 -1.12 7.44 7.78
C SER A 46 0.14 7.84 8.55
N PRO A 47 1.32 7.33 8.11
CA PRO A 47 2.57 7.65 8.79
C PRO A 47 3.11 9.00 8.35
N LEU A 48 2.47 10.07 8.82
CA LEU A 48 2.78 11.43 8.41
C LEU A 48 4.15 11.84 8.94
N CYS A 49 4.96 12.42 8.05
CA CYS A 49 6.34 12.80 8.36
C CYS A 49 6.49 13.57 9.68
N PRO A 50 7.38 13.09 10.57
CA PRO A 50 7.50 13.66 11.90
C PRO A 50 8.49 14.82 11.95
N CYS A 51 9.04 15.19 10.80
CA CYS A 51 9.97 16.31 10.73
C CYS A 51 9.43 17.49 9.94
N ARG A 52 8.14 17.78 10.13
CA ARG A 52 7.56 19.01 9.63
C ARG A 52 6.51 19.52 10.61
N HIS A 53 6.17 20.80 10.47
CA HIS A 53 5.04 21.39 11.17
C HIS A 53 3.88 21.48 10.19
N TYR A 54 2.68 21.19 10.68
CA TYR A 54 1.48 21.21 9.85
C TYR A 54 0.40 22.12 10.44
N GLU A 55 -0.21 22.94 9.59
CA GLU A 55 -1.33 23.78 9.99
C GLU A 55 -2.56 22.91 10.20
N ASP A 56 -2.62 21.78 9.49
CA ASP A 56 -3.74 20.86 9.55
C ASP A 56 -3.29 19.44 9.26
N LYS A 57 -2.94 18.71 10.32
CA LYS A 57 -2.44 17.34 10.21
C LYS A 57 -3.37 16.43 9.40
N GLU A 58 -4.67 16.55 9.67
CA GLU A 58 -5.66 15.63 9.12
C GLU A 58 -5.93 15.85 7.64
N ALA A 59 -5.86 17.11 7.21
CA ALA A 59 -5.93 17.45 5.79
C ALA A 59 -4.66 16.99 5.09
N GLU A 60 -3.54 17.08 5.80
CA GLU A 60 -2.22 16.68 5.28
C GLU A 60 -2.13 15.20 4.97
N VAL A 61 -2.86 14.41 5.75
CA VAL A 61 -2.93 12.97 5.59
C VAL A 61 -3.70 12.59 4.32
N LYS A 62 -4.60 13.46 3.88
CA LYS A 62 -5.47 13.18 2.73
C LYS A 62 -4.97 13.72 1.39
N ASN A 63 -4.10 14.72 1.44
CA ASN A 63 -3.36 15.14 0.24
C ASN A 63 -2.21 14.15 -0.02
N THR A 64 -1.84 13.42 1.03
CA THR A 64 -0.85 12.31 1.01
C THR A 64 0.59 12.72 0.67
N PHE A 65 0.80 14.00 0.37
CA PHE A 65 2.13 14.47 -0.02
C PHE A 65 3.19 14.03 1.00
N TRP A 66 3.03 14.43 2.25
CA TRP A 66 4.01 14.11 3.28
C TRP A 66 3.80 12.76 3.99
N ASN A 67 3.01 11.88 3.35
CA ASN A 67 2.85 10.51 3.83
C ASN A 67 4.03 9.62 3.44
N CYS A 68 4.75 9.14 4.44
CA CYS A 68 5.99 8.38 4.25
C CYS A 68 5.77 7.01 3.59
N PRO A 69 6.48 6.73 2.48
CA PRO A 69 7.46 7.60 1.84
C PRO A 69 6.79 8.74 1.07
N CYS A 70 7.22 9.96 1.39
CA CYS A 70 6.71 11.20 0.82
C CYS A 70 7.06 11.35 -0.66
N VAL A 71 6.49 12.37 -1.30
CA VAL A 71 6.80 12.66 -2.70
C VAL A 71 8.31 12.95 -2.91
N PRO A 72 8.90 13.88 -2.14
CA PRO A 72 10.33 14.13 -2.35
C PRO A 72 11.20 12.87 -2.28
N MET A 73 10.96 12.00 -1.30
CA MET A 73 11.75 10.78 -1.15
C MET A 73 11.51 9.76 -2.26
N ARG A 74 10.31 9.73 -2.81
CA ARG A 74 9.96 8.75 -3.84
C ARG A 74 10.45 9.15 -5.22
N GLU A 75 10.47 10.44 -5.49
CA GLU A 75 10.83 10.95 -6.83
C GLU A 75 12.27 11.44 -6.86
N ARG A 76 12.69 12.12 -5.79
CA ARG A 76 14.01 12.74 -5.76
C ARG A 76 14.94 12.14 -4.70
N LYS A 77 14.40 11.22 -3.90
CA LYS A 77 15.17 10.47 -2.89
C LYS A 77 15.75 11.36 -1.80
N GLU A 78 15.06 12.47 -1.54
CA GLU A 78 15.50 13.46 -0.56
C GLU A 78 14.67 13.30 0.70
N CYS A 79 15.30 12.84 1.76
CA CYS A 79 14.64 12.55 3.03
C CYS A 79 15.24 13.38 4.15
N HIS A 80 14.51 14.38 4.61
CA HIS A 80 15.06 15.35 5.56
C HIS A 80 14.98 14.94 7.03
N CYS A 81 14.22 13.89 7.34
CA CYS A 81 14.26 13.29 8.69
C CYS A 81 15.56 12.52 8.86
N MET A 82 16.24 12.28 7.73
CA MET A 82 17.44 11.44 7.69
C MET A 82 17.13 10.01 8.16
N LEU A 83 16.02 9.49 7.65
CA LEU A 83 15.73 8.08 7.77
C LEU A 83 16.43 7.40 6.61
N PHE A 84 16.09 7.79 5.39
CA PHE A 84 16.65 7.20 4.19
C PHE A 84 17.76 8.06 3.59
N LEU A 85 19.00 7.77 3.98
CA LEU A 85 20.16 8.50 3.50
C LEU A 85 20.82 7.85 2.28
N THR A 86 21.09 8.67 1.27
CA THR A 86 21.86 8.26 0.09
C THR A 86 23.33 8.04 0.48
N PRO A 87 24.04 7.12 -0.23
CA PRO A 87 25.42 6.75 0.12
C PRO A 87 26.41 7.90 0.29
N ASP A 88 26.24 8.98 -0.50
CA ASP A 88 27.17 10.11 -0.50
C ASP A 88 27.09 11.02 0.73
N ASN A 89 25.95 11.00 1.42
CA ASN A 89 25.76 11.72 2.68
C ASN A 89 26.66 11.19 3.80
N ASP A 90 27.28 12.10 4.56
CA ASP A 90 28.24 11.72 5.62
C ASP A 90 27.58 11.13 6.86
N PHE A 91 26.30 11.45 7.05
CA PHE A 91 25.53 10.93 8.17
C PHE A 91 25.02 9.53 7.91
N ALA A 92 25.07 9.11 6.65
CA ALA A 92 24.71 7.75 6.25
C ALA A 92 25.69 6.75 6.84
N GLY A 93 25.20 5.94 7.79
CA GLY A 93 25.97 4.80 8.29
C GLY A 93 26.02 3.72 7.23
N ASP A 94 25.95 2.46 7.64
CA ASP A 94 25.92 1.36 6.67
C ASP A 94 24.98 0.22 7.05
N ALA A 95 24.23 0.43 8.13
CA ALA A 95 23.14 -0.47 8.51
C ALA A 95 21.91 -0.18 7.67
N GLN A 96 21.13 -1.21 7.42
CA GLN A 96 19.81 -1.08 6.79
C GLN A 96 18.84 -1.84 7.67
N ASP A 97 19.26 -2.01 8.92
CA ASP A 97 18.54 -2.76 9.93
C ASP A 97 18.78 -2.10 11.28
N ILE A 98 17.72 -2.00 12.07
CA ILE A 98 17.79 -1.43 13.41
C ILE A 98 17.18 -2.45 14.40
N PRO A 99 17.90 -2.74 15.51
CA PRO A 99 17.40 -3.69 16.51
C PRO A 99 16.12 -3.19 17.17
N MET A 100 15.14 -4.09 17.30
CA MET A 100 13.89 -3.79 18.01
C MET A 100 14.19 -3.23 19.39
N GLU A 101 15.27 -3.73 19.98
CA GLU A 101 15.76 -3.31 21.30
C GLU A 101 16.05 -1.80 21.39
N THR A 102 16.77 -1.27 20.40
CA THR A 102 17.19 0.14 20.39
C THR A 102 16.01 1.13 20.25
N LEU A 103 14.94 0.67 19.63
CA LEU A 103 13.75 1.49 19.41
C LEU A 103 12.99 1.84 20.69
N GLU A 104 12.99 0.91 21.64
CA GLU A 104 12.39 1.16 22.96
C GLU A 104 13.34 1.92 23.89
N GLU A 105 14.64 1.71 23.69
CA GLU A 105 15.67 2.38 24.48
C GLU A 105 15.62 3.90 24.36
N VAL A 106 15.29 4.39 23.16
CA VAL A 106 15.16 5.83 22.88
C VAL A 106 13.78 6.34 23.30
N LYS A 107 12.79 5.44 23.38
CA LYS A 107 11.48 5.77 23.93
C LYS A 107 11.53 5.97 25.45
N ALA A 108 12.47 5.28 26.10
CA ALA A 108 12.75 5.47 27.52
C ALA A 108 13.70 6.64 27.73
N SER A 109 14.71 6.74 26.86
CA SER A 109 15.68 7.83 26.88
C SER A 109 15.01 9.17 26.61
N MET B 1 0.89 26.88 -12.38
CA MET B 1 0.22 28.15 -12.78
C MET B 1 -1.28 27.92 -12.81
N ASN B 2 -1.82 27.64 -14.00
CA ASN B 2 -3.22 27.22 -14.17
C ASN B 2 -3.30 25.80 -14.71
N VAL B 3 -4.21 25.01 -14.16
CA VAL B 3 -4.38 23.62 -14.54
C VAL B 3 -4.47 23.46 -16.07
N GLY B 4 -3.68 22.55 -16.62
CA GLY B 4 -3.72 22.23 -18.04
C GLY B 4 -2.93 23.14 -18.95
N ASP B 5 -1.77 23.59 -18.47
CA ASP B 5 -0.86 24.39 -19.27
C ASP B 5 0.35 23.58 -19.71
N ARG B 6 0.85 23.85 -20.91
CA ARG B 6 2.10 23.26 -21.38
C ARG B 6 3.28 23.94 -20.67
N VAL B 7 4.05 23.15 -19.92
CA VAL B 7 5.25 23.66 -19.22
C VAL B 7 6.52 22.88 -19.53
N ARG B 8 7.65 23.58 -19.45
CA ARG B 8 8.96 23.00 -19.67
C ARG B 8 9.71 22.92 -18.35
N VAL B 9 10.42 21.82 -18.13
CA VAL B 9 11.26 21.69 -16.95
C VAL B 9 12.57 22.42 -17.23
N THR B 10 12.80 23.51 -16.52
CA THR B 10 13.98 24.34 -16.76
C THR B 10 14.83 24.50 -15.50
N SER B 11 15.25 23.36 -14.95
CA SER B 11 16.18 23.27 -13.82
C SER B 11 16.60 21.81 -13.68
N SER B 12 17.73 21.56 -13.04
CA SER B 12 18.19 20.19 -12.88
C SER B 12 17.33 19.46 -11.84
N VAL B 13 16.41 18.64 -12.34
CA VAL B 13 15.60 17.79 -11.48
C VAL B 13 15.95 16.33 -11.75
N VAL B 14 16.44 15.65 -10.73
CA VAL B 14 16.87 14.27 -10.89
C VAL B 14 15.85 13.37 -10.21
N VAL B 15 15.25 12.46 -10.98
CA VAL B 15 14.24 11.55 -10.46
C VAL B 15 14.63 10.07 -10.55
N TYR B 16 14.10 9.26 -9.63
CA TYR B 16 14.38 7.83 -9.60
C TYR B 16 13.10 7.01 -9.85
N HIS B 17 12.08 7.64 -10.43
CA HIS B 17 10.77 7.00 -10.58
C HIS B 17 10.24 7.03 -12.01
N HIS B 18 11.13 7.30 -12.97
CA HIS B 18 10.77 7.30 -14.38
C HIS B 18 10.81 5.88 -14.94
N PRO B 19 9.72 5.45 -15.64
CA PRO B 19 9.58 4.07 -16.11
C PRO B 19 10.77 3.56 -16.95
N GLU B 20 11.30 4.43 -17.81
CA GLU B 20 12.46 4.10 -18.64
C GLU B 20 13.76 3.95 -17.83
N HIS B 21 13.74 4.38 -16.58
CA HIS B 21 14.95 4.41 -15.75
C HIS B 21 14.67 4.06 -14.29
N LYS B 22 13.70 3.19 -14.08
CA LYS B 22 13.27 2.79 -12.73
C LYS B 22 14.45 2.58 -11.79
N LYS B 23 14.38 3.22 -10.62
CA LYS B 23 15.39 3.09 -9.56
C LYS B 23 16.79 3.49 -9.98
N THR B 24 16.86 4.47 -10.90
CA THR B 24 18.10 5.06 -11.37
C THR B 24 17.95 6.58 -11.53
N ALA B 25 19.02 7.34 -11.30
CA ALA B 25 19.00 8.78 -11.48
C ALA B 25 18.73 9.17 -12.93
N PHE B 26 17.72 10.02 -13.15
CA PHE B 26 17.41 10.53 -14.49
C PHE B 26 16.97 12.00 -14.44
N ASP B 27 17.71 12.85 -15.14
CA ASP B 27 17.43 14.29 -15.19
C ASP B 27 16.24 14.58 -16.10
N LEU B 28 15.39 15.50 -15.66
CA LEU B 28 14.14 15.80 -16.35
C LEU B 28 14.18 17.05 -17.24
N GLN B 29 15.17 17.92 -17.00
CA GLN B 29 15.26 19.20 -17.69
C GLN B 29 15.11 19.04 -19.21
N GLY B 30 14.42 20.01 -19.83
CA GLY B 30 14.20 20.00 -21.27
C GLY B 30 12.95 19.27 -21.72
N MET B 31 12.27 18.62 -20.78
CA MET B 31 11.03 17.88 -21.08
C MET B 31 9.79 18.77 -21.03
N GLU B 32 8.77 18.37 -21.79
CA GLU B 32 7.53 19.15 -21.89
C GLU B 32 6.32 18.31 -21.46
N GLY B 33 5.43 18.94 -20.69
CA GLY B 33 4.22 18.27 -20.17
C GLY B 33 3.11 19.22 -19.77
N GLU B 34 2.04 18.65 -19.22
CA GLU B 34 0.87 19.44 -18.81
C GLU B 34 0.73 19.56 -17.31
N VAL B 35 0.31 20.74 -16.85
CA VAL B 35 0.07 21.00 -15.43
C VAL B 35 -1.22 20.30 -15.01
N ALA B 36 -1.08 19.19 -14.29
CA ALA B 36 -2.21 18.41 -13.84
C ALA B 36 -2.90 19.05 -12.64
N ALA B 37 -2.10 19.55 -11.70
CA ALA B 37 -2.63 20.15 -10.48
C ALA B 37 -1.63 21.09 -9.81
N VAL B 38 -2.15 22.07 -9.08
CA VAL B 38 -1.34 22.95 -8.24
C VAL B 38 -1.76 22.77 -6.78
N LEU B 39 -1.07 21.87 -6.09
CA LEU B 39 -1.42 21.47 -4.72
C LEU B 39 -1.18 22.59 -3.72
N THR B 40 -2.27 23.09 -3.14
CA THR B 40 -2.18 24.08 -2.05
C THR B 40 -3.17 23.80 -0.92
N GLU B 41 -4.33 23.24 -1.28
CA GLU B 41 -5.41 23.03 -0.32
C GLU B 41 -6.15 21.71 -0.53
N TRP B 42 -6.51 21.07 0.59
CA TRP B 42 -7.44 19.95 0.59
C TRP B 42 -8.74 20.45 1.23
N GLN B 43 -9.83 20.39 0.48
CA GLN B 43 -11.16 20.79 0.99
C GLN B 43 -11.19 22.20 1.58
N GLY B 44 -10.48 23.12 0.93
CA GLY B 44 -10.40 24.51 1.39
C GLY B 44 -9.48 24.71 2.57
N ARG B 45 -8.80 23.64 2.99
CA ARG B 45 -7.86 23.73 4.11
C ARG B 45 -6.42 23.69 3.61
N PRO B 46 -5.54 24.53 4.21
CA PRO B 46 -4.18 24.74 3.70
C PRO B 46 -3.21 23.58 3.95
N ILE B 47 -2.42 23.28 2.93
CA ILE B 47 -1.49 22.15 2.93
C ILE B 47 -0.05 22.60 2.70
N SER B 48 0.92 21.84 3.23
CA SER B 48 2.32 22.25 3.22
C SER B 48 3.20 21.59 2.15
N ALA B 49 2.58 21.08 1.09
CA ALA B 49 3.31 20.46 -0.02
C ALA B 49 4.29 21.44 -0.64
N ASN B 50 5.58 21.09 -0.61
CA ASN B 50 6.66 21.98 -1.06
C ASN B 50 7.03 21.81 -2.54
N LEU B 51 6.34 20.91 -3.22
CA LEU B 51 6.45 20.76 -4.66
C LEU B 51 5.02 20.75 -5.17
N PRO B 52 4.40 21.93 -5.28
CA PRO B 52 2.97 22.05 -5.60
C PRO B 52 2.59 21.75 -7.07
N VAL B 53 3.51 21.97 -7.99
CA VAL B 53 3.18 21.85 -9.41
C VAL B 53 3.40 20.43 -9.93
N LEU B 54 2.30 19.69 -10.06
CA LEU B 54 2.30 18.35 -10.63
C LEU B 54 2.14 18.42 -12.13
N VAL B 55 3.10 17.82 -12.85
CA VAL B 55 3.10 17.85 -14.31
C VAL B 55 2.99 16.43 -14.88
N LYS B 56 1.95 16.21 -15.69
CA LYS B 56 1.80 14.94 -16.40
C LYS B 56 2.53 15.01 -17.74
N PHE B 57 3.41 14.03 -17.95
CA PHE B 57 4.16 13.91 -19.21
C PHE B 57 3.60 12.75 -20.03
N GLU B 58 4.41 12.20 -20.92
CA GLU B 58 4.00 11.03 -21.69
C GLU B 58 4.22 9.77 -20.89
N GLN B 59 3.55 8.69 -21.32
CA GLN B 59 3.59 7.37 -20.64
C GLN B 59 2.88 7.41 -19.28
N ARG B 60 2.00 8.40 -19.11
CA ARG B 60 1.32 8.66 -17.84
C ARG B 60 2.30 8.89 -16.68
N PHE B 61 3.56 9.13 -17.03
CA PHE B 61 4.61 9.50 -16.07
C PHE B 61 4.41 10.94 -15.60
N LYS B 62 4.40 11.12 -14.28
CA LYS B 62 4.19 12.43 -13.69
C LYS B 62 5.23 12.72 -12.62
N ALA B 63 5.49 14.00 -12.37
CA ALA B 63 6.42 14.43 -11.35
C ALA B 63 5.97 15.73 -10.69
N HIS B 64 6.33 15.91 -9.42
CA HIS B 64 6.02 17.14 -8.69
C HIS B 64 7.18 18.13 -8.83
N PHE B 65 6.86 19.42 -8.93
CA PHE B 65 7.87 20.48 -9.06
C PHE B 65 7.57 21.71 -8.22
N ARG B 66 8.62 22.49 -7.94
CA ARG B 66 8.49 23.87 -7.45
C ARG B 66 8.22 24.79 -8.64
N PRO B 67 7.48 25.90 -8.42
CA PRO B 67 7.17 26.81 -9.53
C PRO B 67 8.40 27.32 -10.29
N ASP B 68 9.50 27.55 -9.58
CA ASP B 68 10.73 28.08 -10.18
C ASP B 68 11.47 27.10 -11.09
N GLU B 69 11.11 25.82 -11.01
CA GLU B 69 11.75 24.77 -11.79
C GLU B 69 11.10 24.62 -13.17
N VAL B 70 9.89 25.16 -13.33
CA VAL B 70 9.17 25.01 -14.61
C VAL B 70 8.76 26.34 -15.24
N THR B 71 8.73 26.36 -16.58
CA THR B 71 8.36 27.56 -17.34
C THR B 71 7.24 27.26 -18.35
N LEU B 72 6.33 28.22 -18.52
CA LEU B 72 5.27 28.17 -19.53
C LEU B 72 5.81 28.14 -20.98
N ILE B 73 4.94 27.85 -21.94
CA ILE B 73 5.34 27.82 -23.34
C ILE B 73 4.64 28.89 -24.18
N GLU C 1 22.37 25.19 29.11
CA GLU C 1 21.09 24.44 28.97
C GLU C 1 20.21 24.94 27.81
N VAL C 2 20.21 26.26 27.62
CA VAL C 2 19.34 26.95 26.64
C VAL C 2 17.86 26.87 27.07
N GLN C 3 17.32 28.01 27.49
CA GLN C 3 15.97 28.07 28.03
C GLN C 3 14.92 27.83 26.95
N ASP C 4 13.75 27.36 27.38
CA ASP C 4 12.64 27.11 26.47
C ASP C 4 11.69 28.32 26.41
N VAL C 5 11.01 28.48 25.28
CA VAL C 5 10.08 29.60 25.08
C VAL C 5 8.73 29.16 24.49
N ASN C 6 7.66 29.72 25.04
CA ASN C 6 6.29 29.35 24.69
C ASN C 6 5.53 30.48 23.99
N ASP C 7 4.20 30.33 23.89
CA ASP C 7 3.33 31.31 23.26
C ASP C 7 3.26 32.63 24.03
N SER C 8 3.22 32.54 25.36
CA SER C 8 3.10 33.71 26.23
C SER C 8 4.43 34.42 26.54
N SER C 9 5.55 33.69 26.39
CA SER C 9 6.88 34.25 26.68
C SER C 9 7.68 34.68 25.43
N TRP C 10 7.06 34.56 24.26
CA TRP C 10 7.70 34.94 23.00
C TRP C 10 8.05 36.43 22.93
N LYS C 11 7.03 37.30 23.01
CA LYS C 11 7.20 38.75 22.95
C LYS C 11 8.41 39.23 23.76
N GLU C 12 8.47 38.78 25.00
CA GLU C 12 9.47 39.23 25.96
C GLU C 12 10.85 38.65 25.66
N PHE C 13 10.95 37.33 25.68
CA PHE C 13 12.23 36.62 25.51
C PHE C 13 12.88 36.88 24.15
N VAL C 14 12.05 36.99 23.10
CA VAL C 14 12.56 37.08 21.74
C VAL C 14 12.39 38.48 21.14
N LEU C 15 11.14 38.91 20.96
CA LEU C 15 10.85 40.14 20.23
C LEU C 15 11.38 41.43 20.84
N GLU C 16 11.73 41.40 22.14
CA GLU C 16 12.10 42.62 22.86
C GLU C 16 13.53 42.60 23.44
N SER C 17 14.27 41.53 23.19
CA SER C 17 15.67 41.44 23.62
C SER C 17 16.51 42.46 22.85
N GLU C 18 17.39 43.14 23.58
CA GLU C 18 18.26 44.18 23.03
C GLU C 18 19.53 43.59 22.41
N VAL C 19 19.64 42.26 22.49
CA VAL C 19 20.76 41.49 21.96
C VAL C 19 20.19 40.52 20.90
N PRO C 20 20.98 40.17 19.86
CA PRO C 20 20.43 39.34 18.77
C PRO C 20 20.02 37.94 19.23
N VAL C 21 18.94 37.42 18.66
CA VAL C 21 18.33 36.16 19.13
C VAL C 21 18.41 35.05 18.09
N MET C 22 18.84 33.87 18.52
CA MET C 22 18.86 32.66 17.70
C MET C 22 17.93 31.61 18.30
N VAL C 23 16.83 31.35 17.61
CA VAL C 23 15.78 30.45 18.11
C VAL C 23 15.79 29.11 17.38
N ASP C 24 15.68 28.03 18.15
CA ASP C 24 15.75 26.68 17.61
C ASP C 24 14.35 26.07 17.58
N PHE C 25 13.76 26.04 16.39
CA PHE C 25 12.47 25.39 16.19
C PHE C 25 12.65 23.87 16.05
N TRP C 26 12.17 23.12 17.05
CA TRP C 26 12.37 21.68 17.12
C TRP C 26 11.09 20.93 17.44
N ALA C 27 11.19 19.59 17.45
CA ALA C 27 10.08 18.67 17.77
C ALA C 27 10.63 17.37 18.38
N PRO C 28 10.00 16.89 19.48
CA PRO C 28 10.46 15.72 20.25
C PRO C 28 10.66 14.44 19.42
N TRP C 29 10.04 14.37 18.24
CA TRP C 29 10.14 13.17 17.41
C TRP C 29 10.69 13.45 16.02
N CYS C 30 11.54 14.47 15.92
CA CYS C 30 12.27 14.73 14.70
C CYS C 30 13.75 14.37 14.86
N GLY C 31 14.20 13.43 14.03
CA GLY C 31 15.57 12.93 14.08
C GLY C 31 16.60 14.02 14.25
N PRO C 32 16.84 14.81 13.17
CA PRO C 32 17.82 15.88 13.16
C PRO C 32 17.73 16.83 14.34
N SER C 33 16.55 16.95 14.96
CA SER C 33 16.38 17.76 16.18
C SER C 33 17.35 17.31 17.26
N LYS C 34 17.51 15.99 17.40
CA LYS C 34 18.48 15.41 18.33
C LYS C 34 19.92 15.78 17.97
N LEU C 35 20.16 16.04 16.68
CA LEU C 35 21.51 16.33 16.18
C LEU C 35 21.98 17.78 16.37
N ILE C 36 21.12 18.76 16.10
CA ILE C 36 21.48 20.16 16.29
C ILE C 36 21.48 20.60 17.76
N ALA C 37 20.65 19.94 18.56
CA ALA C 37 20.49 20.30 19.98
C ALA C 37 21.82 20.49 20.74
N PRO C 38 22.76 19.53 20.63
CA PRO C 38 24.10 19.73 21.22
C PRO C 38 24.81 20.98 20.70
N VAL C 39 24.72 21.20 19.38
CA VAL C 39 25.38 22.33 18.72
C VAL C 39 24.78 23.64 19.20
N ILE C 40 23.47 23.69 19.31
CA ILE C 40 22.76 24.86 19.85
C ILE C 40 23.15 25.08 21.32
N ASP C 41 23.41 23.99 22.04
CA ASP C 41 23.85 24.05 23.44
C ASP C 41 25.30 24.56 23.58
N GLU C 42 26.16 24.13 22.67
CA GLU C 42 27.56 24.56 22.65
C GLU C 42 27.69 26.03 22.19
N LEU C 43 26.83 26.42 21.26
CA LEU C 43 26.85 27.80 20.76
C LEU C 43 26.31 28.80 21.78
N ALA C 44 25.54 28.31 22.75
CA ALA C 44 25.00 29.15 23.81
C ALA C 44 26.11 29.63 24.75
N LYS C 45 26.91 28.69 25.24
CA LYS C 45 28.06 29.00 26.10
C LYS C 45 29.02 29.94 25.39
N GLU C 46 29.34 29.62 24.13
CA GLU C 46 30.32 30.38 23.36
C GLU C 46 29.99 31.86 23.23
N TYR C 47 28.70 32.20 23.21
CA TYR C 47 28.26 33.58 22.98
C TYR C 47 27.36 34.18 24.08
N SER C 48 27.71 33.88 25.34
CA SER C 48 27.00 34.44 26.51
C SER C 48 26.97 35.95 26.50
N GLY C 49 25.80 36.53 26.76
CA GLY C 49 25.60 37.97 26.78
C GLY C 49 25.94 38.66 25.47
N LYS C 50 26.24 37.87 24.43
CA LYS C 50 26.51 38.41 23.10
C LYS C 50 25.34 38.16 22.14
N ILE C 51 24.68 37.01 22.30
CA ILE C 51 23.41 36.70 21.63
C ILE C 51 22.50 35.90 22.56
N ALA C 52 21.19 35.98 22.34
CA ALA C 52 20.20 35.25 23.13
C ALA C 52 19.77 33.97 22.41
N VAL C 53 19.89 32.84 23.10
CA VAL C 53 19.58 31.52 22.53
C VAL C 53 18.38 30.87 23.23
N TYR C 54 17.36 30.49 22.45
CA TYR C 54 16.16 29.83 23.00
C TYR C 54 15.70 28.65 22.14
N LYS C 55 15.10 27.65 22.79
CA LYS C 55 14.48 26.51 22.10
C LYS C 55 12.95 26.66 22.10
N LEU C 56 12.35 26.44 20.93
CA LEU C 56 10.89 26.46 20.81
C LEU C 56 10.35 25.12 20.34
N ASN C 57 9.61 24.44 21.21
CA ASN C 57 8.95 23.19 20.86
C ASN C 57 7.68 23.44 20.02
N THR C 58 7.70 22.98 18.78
CA THR C 58 6.57 23.20 17.87
C THR C 58 5.29 22.48 18.30
N ASP C 59 5.43 21.33 18.95
CA ASP C 59 4.29 20.63 19.56
C ASP C 59 3.68 21.44 20.69
N GLU C 60 4.53 21.79 21.66
CA GLU C 60 4.11 22.53 22.85
C GLU C 60 3.53 23.91 22.53
N ALA C 61 4.13 24.61 21.57
CA ALA C 61 3.73 25.98 21.25
C ALA C 61 3.37 26.14 19.76
N PRO C 62 2.21 25.59 19.34
CA PRO C 62 1.88 25.55 17.93
C PRO C 62 1.48 26.91 17.36
N GLY C 63 1.18 27.86 18.25
CA GLY C 63 0.74 29.20 17.85
C GLY C 63 1.83 30.04 17.20
N ILE C 64 3.04 29.95 17.76
CA ILE C 64 4.20 30.66 17.22
C ILE C 64 4.70 30.02 15.93
N ALA C 65 4.82 28.69 15.95
CA ALA C 65 5.24 27.91 14.77
C ALA C 65 4.38 28.26 13.56
N THR C 66 3.08 28.40 13.81
CA THR C 66 2.15 28.87 12.79
C THR C 66 2.45 30.32 12.41
N GLN C 67 2.63 31.17 13.42
CA GLN C 67 2.80 32.62 13.22
C GLN C 67 3.97 32.97 12.30
N TYR C 68 5.06 32.21 12.42
CA TYR C 68 6.25 32.46 11.60
C TYR C 68 6.38 31.47 10.45
N ASN C 69 5.28 30.76 10.16
CA ASN C 69 5.18 29.88 9.01
C ASN C 69 6.30 28.84 8.96
N ILE C 70 6.72 28.39 10.14
CA ILE C 70 7.72 27.35 10.28
C ILE C 70 7.15 26.07 9.70
N ARG C 71 7.81 25.54 8.67
CA ARG C 71 7.30 24.37 7.98
C ARG C 71 8.19 23.14 8.11
N SER C 72 9.42 23.24 7.64
CA SER C 72 10.38 22.16 7.83
C SER C 72 11.00 22.30 9.20
N ILE C 73 11.40 21.18 9.81
CA ILE C 73 12.09 21.20 11.12
C ILE C 73 13.25 20.21 11.19
N PRO C 74 14.33 20.58 11.92
CA PRO C 74 14.43 21.81 12.69
C PRO C 74 14.72 23.01 11.78
N THR C 75 14.12 24.15 12.12
CA THR C 75 14.52 25.43 11.55
C THR C 75 15.23 26.24 12.65
N VAL C 76 16.17 27.08 12.24
CA VAL C 76 16.82 28.02 13.17
C VAL C 76 16.56 29.43 12.65
N LEU C 77 15.88 30.22 13.48
CA LEU C 77 15.46 31.56 13.09
C LEU C 77 16.30 32.60 13.83
N PHE C 78 16.64 33.69 13.14
CA PHE C 78 17.42 34.79 13.75
C PHE C 78 16.62 36.10 13.88
N PHE C 79 16.68 36.71 15.06
CA PHE C 79 15.98 37.97 15.35
C PHE C 79 16.89 39.08 15.88
N LYS C 80 16.83 40.24 15.24
CA LYS C 80 17.50 41.45 15.73
C LYS C 80 16.47 42.55 15.88
N ASN C 81 16.29 43.04 17.11
CA ASN C 81 15.35 44.11 17.41
C ASN C 81 13.91 43.76 16.99
N GLY C 82 13.50 42.53 17.32
CA GLY C 82 12.18 42.02 16.97
C GLY C 82 11.90 41.91 15.47
N GLU C 83 12.97 41.89 14.67
CA GLU C 83 12.84 41.72 13.22
C GLU C 83 13.35 40.34 12.82
N ARG C 84 12.54 39.61 12.05
CA ARG C 84 12.94 38.30 11.52
C ARG C 84 14.01 38.48 10.45
N LYS C 85 15.23 38.17 10.83
CA LYS C 85 16.40 38.45 10.00
C LYS C 85 16.82 37.31 9.07
N GLU C 86 16.67 36.06 9.50
CA GLU C 86 17.20 34.92 8.76
C GLU C 86 16.43 33.63 9.05
N SER C 87 16.47 32.71 8.08
CA SER C 87 15.83 31.40 8.22
C SER C 87 16.72 30.29 7.64
N ILE C 88 17.29 29.47 8.53
CA ILE C 88 18.10 28.32 8.11
C ILE C 88 17.42 26.99 8.45
N ILE C 89 17.14 26.22 7.40
CA ILE C 89 16.38 24.97 7.50
C ILE C 89 17.28 23.76 7.68
N GLY C 90 16.85 22.81 8.51
CA GLY C 90 17.51 21.51 8.61
C GLY C 90 18.49 21.35 9.75
N ALA C 91 19.26 20.27 9.70
CA ALA C 91 20.29 19.99 10.71
C ALA C 91 21.57 20.72 10.35
N VAL C 92 21.57 22.03 10.64
CA VAL C 92 22.63 22.95 10.25
C VAL C 92 23.96 22.68 10.95
N PRO C 93 25.06 22.69 10.19
CA PRO C 93 26.40 22.66 10.78
C PRO C 93 26.69 23.86 11.67
N LYS C 94 27.52 23.63 12.70
CA LYS C 94 27.94 24.66 13.64
C LYS C 94 28.58 25.87 12.94
N SER C 95 29.40 25.62 11.93
CA SER C 95 30.09 26.68 11.21
C SER C 95 29.12 27.63 10.51
N THR C 96 28.10 27.05 9.86
CA THR C 96 27.07 27.83 9.18
C THR C 96 26.32 28.72 10.19
N LEU C 97 25.94 28.14 11.33
CA LEU C 97 25.35 28.88 12.44
C LEU C 97 26.31 29.91 13.02
N THR C 98 27.59 29.55 13.16
CA THR C 98 28.64 30.48 13.59
C THR C 98 28.69 31.67 12.64
N ASP C 99 28.80 31.37 11.34
CA ASP C 99 28.90 32.40 10.32
C ASP C 99 27.72 33.35 10.37
N SER C 100 26.56 32.83 10.77
CA SER C 100 25.34 33.63 10.89
C SER C 100 25.33 34.52 12.13
N ILE C 101 25.94 34.03 13.22
CA ILE C 101 26.00 34.81 14.46
C ILE C 101 26.76 36.12 14.25
N GLU C 102 27.93 36.03 13.63
CA GLU C 102 28.78 37.20 13.37
C GLU C 102 28.06 38.31 12.59
N LYS C 103 27.25 37.90 11.61
CA LYS C 103 26.49 38.82 10.74
C LYS C 103 25.53 39.77 11.48
N TYR C 104 25.41 39.61 12.80
CA TYR C 104 24.38 40.34 13.57
C TYR C 104 24.87 41.12 14.80
N LEU C 105 26.17 41.10 15.06
CA LEU C 105 26.73 41.68 16.29
C LEU C 105 26.86 43.22 16.26
N SER C 106 27.91 43.74 16.93
CA SER C 106 28.11 45.19 17.13
C SER C 106 27.86 46.04 15.89
N ASN D 1 -12.60 8.55 -16.94
CA ASN D 1 -11.66 8.86 -15.82
C ASN D 1 -11.85 7.94 -14.61
N ASN D 2 -10.80 7.17 -14.31
CA ASN D 2 -10.87 6.07 -13.34
C ASN D 2 -10.64 6.43 -11.88
N LYS D 3 -11.71 6.94 -11.27
CA LYS D 3 -11.83 7.13 -9.83
C LYS D 3 -12.13 5.78 -9.19
N THR D 4 -12.79 4.91 -9.97
CA THR D 4 -13.15 3.55 -9.58
C THR D 4 -11.99 2.81 -8.90
N LEU D 5 -10.85 2.79 -9.58
CA LEU D 5 -9.65 2.09 -9.13
C LEU D 5 -9.16 2.62 -7.79
N ALA D 6 -9.15 3.94 -7.64
CA ALA D 6 -8.73 4.59 -6.39
C ALA D 6 -9.59 4.14 -5.21
N ALA D 7 -10.90 4.06 -5.44
CA ALA D 7 -11.87 3.67 -4.41
C ALA D 7 -11.72 2.22 -4.02
N MET D 8 -11.49 1.37 -5.03
CA MET D 8 -11.28 -0.06 -4.83
C MET D 8 -9.96 -0.32 -4.11
N LYS D 9 -8.97 0.49 -4.46
CA LYS D 9 -7.65 0.48 -3.84
C LYS D 9 -7.74 0.71 -2.33
N ASN D 10 -8.53 1.70 -1.94
CA ASN D 10 -8.69 2.04 -0.53
C ASN D 10 -9.59 1.07 0.23
N PHE D 11 -10.53 0.45 -0.49
CA PHE D 11 -11.34 -0.61 0.09
C PHE D 11 -10.46 -1.78 0.49
N ALA D 12 -9.59 -2.19 -0.44
CA ALA D 12 -8.65 -3.27 -0.21
C ALA D 12 -7.77 -2.99 1.02
N GLU D 13 -7.15 -1.81 1.05
CA GLU D 13 -6.29 -1.41 2.16
C GLU D 13 -7.07 -1.29 3.48
N GLN D 14 -8.25 -0.68 3.42
CA GLN D 14 -9.11 -0.53 4.58
C GLN D 14 -9.59 -1.90 5.09
N TYR D 15 -10.16 -2.72 4.20
CA TYR D 15 -10.71 -4.02 4.57
C TYR D 15 -9.65 -4.94 5.17
N ALA D 16 -8.44 -4.89 4.62
CA ALA D 16 -7.31 -5.67 5.10
C ALA D 16 -6.95 -5.32 6.54
N LYS D 17 -7.00 -4.03 6.85
CA LYS D 17 -6.61 -3.52 8.17
C LYS D 17 -7.55 -4.00 9.28
N ARG D 18 -8.85 -4.06 8.98
CA ARG D 18 -9.87 -4.37 10.00
C ARG D 18 -10.08 -5.87 10.22
N THR D 19 -9.61 -6.68 9.27
CA THR D 19 -9.82 -8.12 9.32
C THR D 19 -8.63 -8.83 9.92
N ASP D 20 -7.50 -8.11 10.00
CA ASP D 20 -6.20 -8.67 10.34
C ASP D 20 -5.73 -9.60 9.23
N THR D 21 -5.63 -9.04 8.03
CA THR D 21 -5.18 -9.77 6.86
C THR D 21 -4.19 -8.91 6.08
N TYR D 22 -3.29 -9.58 5.36
CA TYR D 22 -2.20 -8.89 4.69
C TYR D 22 -2.17 -9.18 3.20
N PHE D 23 -1.90 -8.14 2.43
CA PHE D 23 -1.72 -8.25 0.99
C PHE D 23 -0.64 -9.27 0.67
N CYS D 24 -0.68 -9.81 -0.55
CA CYS D 24 0.30 -10.80 -0.98
C CYS D 24 1.73 -10.27 -0.91
N SER D 25 2.68 -11.14 -0.57
CA SER D 25 4.11 -10.79 -0.56
C SER D 25 4.61 -10.44 -1.97
N ASP D 26 3.93 -10.97 -2.98
CA ASP D 26 4.08 -10.49 -4.35
C ASP D 26 2.93 -9.51 -4.60
N LEU D 27 3.21 -8.22 -4.45
CA LEU D 27 2.18 -7.18 -4.57
C LEU D 27 1.61 -7.04 -5.99
N SER D 28 2.32 -7.57 -6.99
CA SER D 28 1.83 -7.55 -8.37
C SER D 28 0.62 -8.46 -8.53
N VAL D 29 0.54 -9.47 -7.66
CA VAL D 29 -0.63 -10.35 -7.54
C VAL D 29 -1.81 -9.52 -7.04
N THR D 30 -1.60 -8.87 -5.89
CA THR D 30 -2.57 -7.97 -5.26
C THR D 30 -3.09 -6.92 -6.24
N ALA D 31 -2.15 -6.30 -6.96
CA ALA D 31 -2.48 -5.27 -7.95
C ALA D 31 -3.50 -5.76 -8.97
N VAL D 32 -3.33 -7.00 -9.40
CA VAL D 32 -4.16 -7.59 -10.46
C VAL D 32 -5.60 -7.83 -10.00
N VAL D 33 -5.75 -8.31 -8.78
CA VAL D 33 -7.06 -8.60 -8.19
C VAL D 33 -7.88 -7.33 -8.04
N ILE D 34 -7.25 -6.30 -7.46
CA ILE D 34 -7.88 -5.00 -7.25
C ILE D 34 -8.28 -4.37 -8.59
N GLU D 35 -7.41 -4.55 -9.58
CA GLU D 35 -7.70 -4.14 -10.95
C GLU D 35 -8.89 -4.92 -11.50
N GLY D 36 -8.91 -6.23 -11.23
CA GLY D 36 -10.00 -7.10 -11.66
C GLY D 36 -11.33 -6.76 -11.02
N LEU D 37 -11.31 -6.48 -9.72
CA LEU D 37 -12.51 -6.05 -8.98
C LEU D 37 -13.04 -4.76 -9.55
N ALA D 38 -12.12 -3.87 -9.89
CA ALA D 38 -12.44 -2.56 -10.44
C ALA D 38 -13.14 -2.66 -11.79
N ARG D 39 -12.68 -3.55 -12.66
CA ARG D 39 -13.26 -3.71 -13.99
C ARG D 39 -14.70 -4.23 -13.92
N HIS D 40 -14.92 -5.25 -13.09
CA HIS D 40 -16.24 -5.82 -12.87
C HIS D 40 -17.22 -4.76 -12.39
N LYS D 41 -16.86 -4.09 -11.30
CA LYS D 41 -17.62 -2.94 -10.79
C LYS D 41 -18.06 -1.99 -11.90
N GLU D 42 -17.11 -1.56 -12.73
CA GLU D 42 -17.41 -0.65 -13.84
C GLU D 42 -18.49 -1.21 -14.75
N GLU D 43 -18.26 -2.43 -15.26
CA GLU D 43 -19.11 -3.01 -16.29
C GLU D 43 -20.35 -3.72 -15.75
N LEU D 44 -20.36 -4.02 -14.46
CA LEU D 44 -21.44 -4.81 -13.85
C LEU D 44 -22.19 -4.09 -12.74
N GLY D 45 -21.50 -3.19 -12.03
CA GLY D 45 -22.12 -2.42 -10.95
C GLY D 45 -21.64 -2.79 -9.55
N SER D 46 -21.03 -3.96 -9.43
CA SER D 46 -20.55 -4.46 -8.14
C SER D 46 -19.17 -5.09 -8.32
N PRO D 47 -18.38 -5.16 -7.23
CA PRO D 47 -17.06 -5.76 -7.34
C PRO D 47 -17.11 -7.29 -7.24
N LEU D 48 -17.67 -7.91 -8.29
CA LEU D 48 -17.77 -9.36 -8.42
C LEU D 48 -16.37 -9.95 -8.45
N CYS D 49 -16.16 -11.01 -7.67
CA CYS D 49 -14.85 -11.66 -7.61
C CYS D 49 -14.25 -11.95 -8.99
N PRO D 50 -12.97 -11.62 -9.19
CA PRO D 50 -12.36 -11.84 -10.49
C PRO D 50 -11.73 -13.22 -10.66
N CYS D 51 -11.59 -13.99 -9.58
CA CYS D 51 -10.96 -15.31 -9.67
C CYS D 51 -11.93 -16.48 -9.66
N ARG D 52 -13.04 -16.30 -10.38
CA ARG D 52 -14.00 -17.38 -10.64
C ARG D 52 -14.59 -17.21 -12.03
N HIS D 53 -15.40 -18.20 -12.45
CA HIS D 53 -16.14 -18.11 -13.68
C HIS D 53 -17.62 -18.18 -13.38
N TYR D 54 -18.39 -17.39 -14.11
CA TYR D 54 -19.83 -17.30 -13.91
C TYR D 54 -20.58 -17.66 -15.18
N GLU D 55 -21.67 -18.40 -15.01
CA GLU D 55 -22.56 -18.70 -16.12
C GLU D 55 -23.38 -17.45 -16.41
N ASP D 56 -23.73 -16.72 -15.36
CA ASP D 56 -24.50 -15.49 -15.50
C ASP D 56 -24.01 -14.39 -14.55
N LYS D 57 -23.13 -13.53 -15.05
CA LYS D 57 -22.55 -12.44 -14.25
C LYS D 57 -23.59 -11.50 -13.65
N GLU D 58 -24.48 -11.01 -14.51
CA GLU D 58 -25.53 -10.06 -14.10
C GLU D 58 -26.35 -10.54 -12.90
N ALA D 59 -26.66 -11.83 -12.88
CA ALA D 59 -27.44 -12.44 -11.79
C ALA D 59 -26.59 -12.61 -10.53
N GLU D 60 -25.33 -12.99 -10.73
CA GLU D 60 -24.39 -13.18 -9.64
C GLU D 60 -24.29 -11.91 -8.82
N VAL D 61 -24.19 -10.80 -9.52
CA VAL D 61 -24.15 -9.47 -8.93
C VAL D 61 -25.30 -9.27 -7.94
N LYS D 62 -26.50 -9.68 -8.34
CA LYS D 62 -27.72 -9.42 -7.56
C LYS D 62 -28.00 -10.46 -6.49
N ASN D 63 -27.33 -11.61 -6.56
CA ASN D 63 -27.39 -12.56 -5.45
C ASN D 63 -26.34 -12.20 -4.41
N THR D 64 -25.31 -11.49 -4.88
CA THR D 64 -24.28 -10.86 -4.04
C THR D 64 -23.38 -11.83 -3.29
N PHE D 65 -23.44 -13.12 -3.62
CA PHE D 65 -22.59 -14.10 -2.94
C PHE D 65 -21.10 -13.84 -3.22
N TRP D 66 -20.73 -13.68 -4.48
CA TRP D 66 -19.33 -13.43 -4.84
C TRP D 66 -18.97 -11.95 -4.99
N ASN D 67 -19.75 -11.06 -4.38
CA ASN D 67 -19.39 -9.64 -4.33
C ASN D 67 -18.35 -9.37 -3.26
N CYS D 68 -17.20 -8.85 -3.67
CA CYS D 68 -16.08 -8.63 -2.77
C CYS D 68 -16.38 -7.56 -1.73
N PRO D 69 -16.31 -7.92 -0.43
CA PRO D 69 -15.86 -9.21 0.09
C PRO D 69 -16.92 -10.31 0.07
N CYS D 70 -16.63 -11.35 -0.68
CA CYS D 70 -17.48 -12.52 -0.84
C CYS D 70 -17.81 -13.18 0.51
N VAL D 71 -18.86 -14.00 0.51
CA VAL D 71 -19.32 -14.70 1.71
C VAL D 71 -18.24 -15.57 2.38
N PRO D 72 -17.52 -16.41 1.59
CA PRO D 72 -16.42 -17.18 2.20
C PRO D 72 -15.42 -16.27 2.93
N MET D 73 -15.13 -15.12 2.34
CA MET D 73 -14.26 -14.14 3.00
C MET D 73 -14.90 -13.59 4.29
N ARG D 74 -16.12 -13.07 4.18
CA ARG D 74 -16.80 -12.47 5.33
C ARG D 74 -17.00 -13.44 6.50
N GLU D 75 -17.29 -14.70 6.18
CA GLU D 75 -17.60 -15.69 7.20
C GLU D 75 -16.42 -16.54 7.63
N ARG D 76 -15.70 -17.12 6.66
CA ARG D 76 -14.63 -18.05 6.98
C ARG D 76 -13.25 -17.45 6.74
N LYS D 77 -13.22 -16.23 6.24
CA LYS D 77 -11.98 -15.49 5.96
C LYS D 77 -11.08 -16.17 4.90
N GLU D 78 -11.71 -16.98 4.03
CA GLU D 78 -11.03 -17.62 2.93
C GLU D 78 -11.12 -16.74 1.69
N CYS D 79 -9.96 -16.28 1.21
CA CYS D 79 -9.90 -15.46 0.00
C CYS D 79 -9.07 -16.12 -1.09
N HIS D 80 -9.77 -16.69 -2.07
CA HIS D 80 -9.14 -17.47 -3.12
C HIS D 80 -8.22 -16.67 -4.06
N CYS D 81 -8.49 -15.38 -4.23
CA CYS D 81 -7.65 -14.51 -5.08
C CYS D 81 -6.33 -14.13 -4.43
N MET D 82 -6.19 -14.44 -3.13
CA MET D 82 -5.00 -14.12 -2.33
C MET D 82 -4.83 -12.61 -2.13
N LEU D 83 -5.93 -11.87 -2.23
CA LEU D 83 -5.94 -10.46 -1.90
C LEU D 83 -5.92 -10.26 -0.38
N PHE D 84 -6.67 -11.10 0.33
CA PHE D 84 -6.68 -11.05 1.79
C PHE D 84 -6.18 -12.35 2.40
N LEU D 85 -4.93 -12.32 2.84
CA LEU D 85 -4.28 -13.50 3.38
C LEU D 85 -4.05 -13.37 4.87
N THR D 86 -4.35 -14.44 5.61
CA THR D 86 -4.05 -14.50 7.04
C THR D 86 -2.54 -14.40 7.21
N PRO D 87 -2.07 -13.77 8.32
CA PRO D 87 -0.63 -13.57 8.52
C PRO D 87 0.20 -14.86 8.39
N ASP D 88 -0.42 -16.00 8.68
CA ASP D 88 0.23 -17.31 8.62
C ASP D 88 0.06 -18.03 7.26
N ASN D 89 -0.01 -17.25 6.18
CA ASN D 89 -0.05 -17.80 4.83
C ASN D 89 1.35 -17.72 4.21
N ASP D 90 1.69 -18.74 3.42
CA ASP D 90 3.00 -18.83 2.79
C ASP D 90 3.24 -17.70 1.78
N PHE D 91 2.17 -17.24 1.15
CA PHE D 91 2.25 -16.24 0.09
C PHE D 91 1.94 -14.83 0.60
N ALA D 92 1.77 -14.71 1.92
CA ALA D 92 1.49 -13.42 2.54
C ALA D 92 2.76 -12.65 2.89
N GLY D 93 2.69 -11.33 2.75
CA GLY D 93 3.73 -10.45 3.26
C GLY D 93 3.32 -9.88 4.60
N ASP D 94 3.68 -8.63 4.84
CA ASP D 94 3.25 -7.92 6.06
C ASP D 94 2.70 -6.52 5.76
N ALA D 95 2.70 -6.15 4.48
CA ALA D 95 2.14 -4.88 4.03
C ALA D 95 0.61 -4.92 3.97
N GLN D 96 -0.01 -3.76 4.18
CA GLN D 96 -1.47 -3.62 4.07
C GLN D 96 -1.80 -2.47 3.11
N ASP D 97 -0.78 -1.92 2.48
CA ASP D 97 -0.92 -0.84 1.50
C ASP D 97 -0.31 -1.24 0.17
N ILE D 98 -0.68 -0.50 -0.87
CA ILE D 98 -0.11 -0.67 -2.20
C ILE D 98 -0.04 0.69 -2.89
N PRO D 99 1.11 1.03 -3.50
CA PRO D 99 1.19 2.28 -4.27
C PRO D 99 0.29 2.29 -5.50
N MET D 100 -0.33 3.44 -5.77
CA MET D 100 -1.15 3.68 -6.96
C MET D 100 -0.32 3.56 -8.25
N GLU D 101 0.99 3.79 -8.11
CA GLU D 101 1.94 3.66 -9.21
C GLU D 101 2.13 2.19 -9.61
N THR D 102 2.15 1.31 -8.60
CA THR D 102 2.26 -0.14 -8.79
C THR D 102 1.03 -0.75 -9.47
N LEU D 103 -0.14 -0.22 -9.12
CA LEU D 103 -1.40 -0.61 -9.77
C LEU D 103 -1.43 -0.23 -11.24
N GLU D 104 -0.83 0.91 -11.58
CA GLU D 104 -0.80 1.40 -12.96
C GLU D 104 0.19 0.67 -13.86
N GLU D 105 1.27 0.15 -13.27
CA GLU D 105 2.31 -0.58 -14.01
C GLU D 105 1.74 -1.82 -14.69
N VAL D 106 1.01 -2.62 -13.93
CA VAL D 106 0.46 -3.89 -14.41
C VAL D 106 -0.75 -3.73 -15.33
N LYS D 107 -1.32 -2.52 -15.36
CA LYS D 107 -2.42 -2.19 -16.27
C LYS D 107 -1.95 -2.12 -17.72
N ALA D 108 -0.80 -1.50 -17.94
CA ALA D 108 -0.19 -1.41 -19.27
C ALA D 108 0.73 -2.60 -19.54
N SER D 109 1.29 -3.17 -18.47
CA SER D 109 2.17 -4.32 -18.56
C SER D 109 1.36 -5.60 -18.84
N MET E 1 -31.15 -29.00 1.10
CA MET E 1 -32.39 -29.72 1.49
C MET E 1 -33.62 -28.94 1.04
N ASN E 2 -34.39 -28.48 2.02
CA ASN E 2 -35.59 -27.68 1.78
C ASN E 2 -35.71 -26.55 2.79
N VAL E 3 -36.31 -25.44 2.35
CA VAL E 3 -36.56 -24.30 3.21
C VAL E 3 -37.46 -24.72 4.38
N GLY E 4 -36.92 -24.65 5.59
CA GLY E 4 -37.65 -25.00 6.80
C GLY E 4 -37.08 -26.19 7.56
N ASP E 5 -36.18 -26.93 6.92
CA ASP E 5 -35.57 -28.12 7.51
C ASP E 5 -34.69 -27.79 8.72
N ARG E 6 -35.06 -28.32 9.88
CA ARG E 6 -34.25 -28.17 11.08
C ARG E 6 -32.96 -28.97 10.91
N VAL E 7 -31.89 -28.27 10.56
CA VAL E 7 -30.58 -28.90 10.35
C VAL E 7 -29.62 -28.66 11.51
N ARG E 8 -28.55 -29.45 11.53
CA ARG E 8 -27.56 -29.41 12.60
C ARG E 8 -26.15 -29.48 12.00
N VAL E 9 -25.32 -28.50 12.35
CA VAL E 9 -23.92 -28.45 11.89
C VAL E 9 -23.18 -29.69 12.39
N THR E 10 -22.78 -30.56 11.47
CA THR E 10 -22.16 -31.83 11.81
C THR E 10 -20.64 -31.87 11.59
N SER E 11 -20.09 -30.82 11.01
CA SER E 11 -18.66 -30.74 10.69
C SER E 11 -17.99 -29.48 11.24
N SER E 12 -16.65 -29.44 11.19
CA SER E 12 -15.87 -28.29 11.65
C SER E 12 -16.01 -27.08 10.71
N VAL E 13 -16.63 -26.01 11.23
CA VAL E 13 -16.81 -24.77 10.49
C VAL E 13 -16.40 -23.56 11.34
N VAL E 14 -15.38 -22.85 10.91
CA VAL E 14 -14.79 -21.76 11.68
C VAL E 14 -15.21 -20.39 11.11
N VAL E 15 -15.97 -19.64 11.90
CA VAL E 15 -16.46 -18.33 11.47
C VAL E 15 -16.07 -17.18 12.39
N TYR E 16 -16.18 -15.96 11.85
CA TYR E 16 -15.73 -14.75 12.51
C TYR E 16 -16.88 -13.76 12.76
N HIS E 17 -17.94 -13.88 11.97
CA HIS E 17 -19.05 -12.92 11.97
C HIS E 17 -20.07 -13.11 13.11
N HIS E 18 -19.83 -14.08 13.98
CA HIS E 18 -20.75 -14.40 15.08
C HIS E 18 -20.92 -13.22 16.05
N PRO E 19 -22.17 -12.99 16.52
CA PRO E 19 -22.44 -11.88 17.47
C PRO E 19 -21.83 -12.06 18.86
N GLU E 20 -21.70 -13.30 19.33
CA GLU E 20 -21.09 -13.59 20.63
C GLU E 20 -19.56 -13.62 20.57
N HIS E 21 -19.02 -13.71 19.36
CA HIS E 21 -17.58 -13.87 19.18
C HIS E 21 -17.06 -13.10 17.97
N LYS E 22 -17.32 -11.78 17.96
CA LYS E 22 -17.00 -10.92 16.82
C LYS E 22 -15.50 -10.81 16.51
N LYS E 23 -15.19 -10.89 15.22
CA LYS E 23 -13.81 -10.82 14.68
C LYS E 23 -12.81 -11.82 15.29
N THR E 24 -13.32 -12.93 15.81
CA THR E 24 -12.46 -13.98 16.37
C THR E 24 -12.94 -15.36 15.98
N ALA E 25 -11.98 -16.30 15.87
CA ALA E 25 -12.26 -17.66 15.40
C ALA E 25 -13.11 -18.49 16.36
N PHE E 26 -14.35 -18.76 15.95
CA PHE E 26 -15.26 -19.61 16.72
C PHE E 26 -15.89 -20.71 15.86
N ASP E 27 -15.81 -21.94 16.35
CA ASP E 27 -16.32 -23.11 15.62
C ASP E 27 -17.78 -23.36 15.94
N LEU E 28 -18.61 -23.42 14.89
CA LEU E 28 -20.05 -23.58 15.05
C LEU E 28 -20.46 -25.01 15.41
N GLN E 29 -19.69 -25.99 14.93
CA GLN E 29 -20.03 -27.42 15.03
C GLN E 29 -20.81 -27.75 16.30
N GLY E 30 -22.06 -28.18 16.11
CA GLY E 30 -22.94 -28.54 17.22
C GLY E 30 -24.02 -27.51 17.49
N MET E 31 -24.31 -26.68 16.49
CA MET E 31 -25.43 -25.74 16.57
C MET E 31 -26.53 -26.17 15.60
N GLU E 32 -27.76 -25.75 15.90
CA GLU E 32 -28.94 -26.20 15.16
C GLU E 32 -29.77 -25.02 14.67
N GLY E 33 -30.47 -25.21 13.56
CA GLY E 33 -31.32 -24.15 12.99
C GLY E 33 -32.06 -24.57 11.74
N GLU E 34 -32.86 -23.65 11.22
CA GLU E 34 -33.62 -23.89 9.98
C GLU E 34 -32.86 -23.47 8.72
N VAL E 35 -33.17 -24.13 7.61
CA VAL E 35 -32.61 -23.76 6.32
C VAL E 35 -33.39 -22.55 5.81
N ALA E 36 -32.74 -21.41 5.77
CA ALA E 36 -33.35 -20.15 5.32
C ALA E 36 -33.47 -20.11 3.79
N ALA E 37 -32.45 -20.59 3.10
CA ALA E 37 -32.44 -20.67 1.64
C ALA E 37 -31.40 -21.66 1.14
N VAL E 38 -31.53 -22.07 -0.13
CA VAL E 38 -30.50 -22.84 -0.81
C VAL E 38 -30.17 -22.12 -2.12
N LEU E 39 -29.06 -21.40 -2.10
CA LEU E 39 -28.70 -20.49 -3.20
C LEU E 39 -28.23 -21.21 -4.46
N THR E 40 -29.18 -21.50 -5.36
CA THR E 40 -28.87 -22.06 -6.67
C THR E 40 -29.33 -21.12 -7.78
N GLU E 41 -30.36 -20.33 -7.47
CA GLU E 41 -30.97 -19.46 -8.47
C GLU E 41 -31.15 -18.02 -7.96
N TRP E 42 -30.98 -17.07 -8.87
CA TRP E 42 -31.55 -15.72 -8.72
C TRP E 42 -32.56 -15.57 -9.84
N GLN E 43 -33.85 -15.45 -9.47
CA GLN E 43 -34.94 -15.29 -10.43
C GLN E 43 -34.86 -16.32 -11.56
N GLY E 44 -34.73 -17.59 -11.18
CA GLY E 44 -34.63 -18.70 -12.12
C GLY E 44 -33.41 -18.66 -13.02
N ARG E 45 -32.37 -17.94 -12.58
CA ARG E 45 -31.12 -17.88 -13.33
C ARG E 45 -30.02 -18.53 -12.49
N PRO E 46 -29.09 -19.25 -13.14
CA PRO E 46 -28.07 -20.04 -12.43
C PRO E 46 -27.05 -19.21 -11.65
N ILE E 47 -26.88 -19.55 -10.37
CA ILE E 47 -25.90 -18.92 -9.47
C ILE E 47 -24.82 -19.94 -9.02
N SER E 48 -23.59 -19.47 -8.82
CA SER E 48 -22.44 -20.35 -8.62
C SER E 48 -21.87 -20.44 -7.19
N ALA E 49 -22.64 -20.01 -6.20
CA ALA E 49 -22.21 -20.06 -4.80
C ALA E 49 -21.72 -21.45 -4.41
N ASN E 50 -20.61 -21.50 -3.67
CA ASN E 50 -20.06 -22.78 -3.23
C ASN E 50 -20.42 -23.11 -1.77
N LEU E 51 -21.32 -22.33 -1.20
CA LEU E 51 -21.84 -22.56 0.15
C LEU E 51 -23.34 -22.27 0.18
N PRO E 52 -24.14 -22.97 -0.66
CA PRO E 52 -25.50 -22.54 -0.99
C PRO E 52 -26.53 -22.62 0.14
N VAL E 53 -26.30 -23.49 1.12
CA VAL E 53 -27.27 -23.70 2.19
C VAL E 53 -27.14 -22.62 3.25
N LEU E 54 -28.11 -21.70 3.27
CA LEU E 54 -28.18 -20.66 4.29
C LEU E 54 -28.96 -21.15 5.52
N VAL E 55 -28.30 -21.13 6.67
CA VAL E 55 -28.90 -21.58 7.92
C VAL E 55 -29.05 -20.41 8.90
N LYS E 56 -30.26 -20.23 9.42
CA LYS E 56 -30.52 -19.20 10.43
C LYS E 56 -30.54 -19.82 11.83
N PHE E 57 -29.90 -19.14 12.76
CA PHE E 57 -29.83 -19.56 14.16
C PHE E 57 -30.48 -18.48 15.04
N GLU E 58 -30.18 -18.54 16.34
CA GLU E 58 -30.61 -17.51 17.29
C GLU E 58 -29.88 -16.18 17.05
N GLN E 59 -30.30 -15.14 17.76
CA GLN E 59 -29.64 -13.82 17.76
C GLN E 59 -29.50 -13.19 16.37
N ARG E 60 -30.44 -13.51 15.48
CA ARG E 60 -30.42 -13.04 14.08
C ARG E 60 -29.08 -13.42 13.43
N PHE E 61 -28.78 -14.73 13.41
CA PHE E 61 -27.47 -15.20 12.97
C PHE E 61 -27.52 -16.16 11.78
N LYS E 62 -26.85 -15.77 10.70
CA LYS E 62 -26.83 -16.51 9.44
C LYS E 62 -25.45 -17.09 9.17
N ALA E 63 -25.41 -18.30 8.62
CA ALA E 63 -24.15 -18.92 8.19
C ALA E 63 -24.38 -19.83 6.99
N HIS E 64 -23.47 -19.73 6.01
CA HIS E 64 -23.53 -20.54 4.80
C HIS E 64 -22.70 -21.81 4.95
N PHE E 65 -23.20 -22.91 4.37
CA PHE E 65 -22.52 -24.20 4.43
C PHE E 65 -22.54 -24.93 3.10
N ARG E 66 -21.66 -25.92 2.97
CA ARG E 66 -21.76 -26.93 1.92
C ARG E 66 -22.94 -27.84 2.30
N PRO E 67 -23.50 -28.60 1.33
CA PRO E 67 -24.57 -29.53 1.69
C PRO E 67 -24.16 -30.62 2.70
N ASP E 68 -22.94 -31.14 2.56
CA ASP E 68 -22.43 -32.22 3.43
C ASP E 68 -21.76 -31.72 4.71
N GLU E 69 -22.05 -30.49 5.10
CA GLU E 69 -21.57 -29.95 6.37
C GLU E 69 -22.70 -29.83 7.39
N VAL E 70 -23.91 -30.20 6.98
CA VAL E 70 -25.09 -30.19 7.86
C VAL E 70 -25.87 -31.51 7.76
N THR E 71 -26.82 -31.69 8.68
CA THR E 71 -27.68 -32.89 8.70
C THR E 71 -29.07 -32.55 9.26
N LEU E 72 -30.09 -33.28 8.77
CA LEU E 72 -31.50 -33.12 9.18
C LEU E 72 -31.82 -33.49 10.64
N ILE E 73 -33.05 -33.15 11.06
CA ILE E 73 -33.55 -33.30 12.44
C ILE E 73 -32.58 -32.74 13.52
N GLU F 1 6.90 -21.49 -23.64
CA GLU F 1 6.02 -20.52 -24.36
C GLU F 1 4.54 -20.71 -24.04
N VAL F 2 4.00 -21.88 -24.38
CA VAL F 2 2.58 -22.21 -24.26
C VAL F 2 1.73 -21.44 -25.28
N GLN F 3 0.85 -22.18 -25.95
CA GLN F 3 0.03 -21.65 -27.04
C GLN F 3 -1.42 -21.50 -26.58
N ASP F 4 -2.10 -20.46 -27.07
CA ASP F 4 -3.49 -20.18 -26.70
C ASP F 4 -4.48 -21.08 -27.40
N VAL F 5 -5.56 -21.42 -26.72
CA VAL F 5 -6.64 -22.22 -27.29
C VAL F 5 -8.02 -21.67 -26.90
N ASN F 6 -9.00 -21.83 -27.78
CA ASN F 6 -10.36 -21.32 -27.56
C ASN F 6 -11.44 -22.17 -28.21
N ASP F 7 -12.60 -21.56 -28.47
CA ASP F 7 -13.75 -22.25 -29.05
C ASP F 7 -13.49 -22.86 -30.43
N SER F 8 -12.63 -22.20 -31.22
CA SER F 8 -12.28 -22.67 -32.56
C SER F 8 -11.30 -23.86 -32.56
N SER F 9 -10.25 -23.75 -31.75
CA SER F 9 -9.12 -24.67 -31.80
C SER F 9 -9.20 -25.86 -30.82
N TRP F 10 -10.16 -25.82 -29.91
CA TRP F 10 -10.32 -26.86 -28.88
C TRP F 10 -10.30 -28.28 -29.44
N LYS F 11 -11.11 -28.54 -30.46
CA LYS F 11 -11.21 -29.87 -31.07
C LYS F 11 -9.87 -30.41 -31.55
N GLU F 12 -9.12 -29.59 -32.27
CA GLU F 12 -7.85 -30.02 -32.85
C GLU F 12 -6.73 -30.06 -31.80
N PHE F 13 -6.67 -29.05 -30.95
CA PHE F 13 -5.56 -28.86 -30.01
C PHE F 13 -5.58 -29.83 -28.83
N VAL F 14 -6.78 -30.11 -28.33
CA VAL F 14 -6.95 -30.83 -27.07
C VAL F 14 -7.56 -32.22 -27.24
N LEU F 15 -8.78 -32.26 -27.78
CA LEU F 15 -9.57 -33.50 -27.91
C LEU F 15 -8.92 -34.53 -28.83
N GLU F 16 -8.15 -34.05 -29.81
CA GLU F 16 -7.44 -34.92 -30.73
C GLU F 16 -5.92 -34.66 -30.68
N SER F 17 -5.33 -34.93 -29.52
CA SER F 17 -3.88 -34.84 -29.37
C SER F 17 -3.27 -36.23 -29.22
N GLU F 18 -2.15 -36.44 -29.92
CA GLU F 18 -1.42 -37.72 -29.93
C GLU F 18 -0.83 -38.04 -28.55
N VAL F 19 -1.03 -37.12 -27.61
CA VAL F 19 -0.26 -37.10 -26.38
C VAL F 19 -1.09 -36.40 -25.28
N PRO F 20 -0.85 -36.73 -23.99
CA PRO F 20 -1.59 -36.07 -22.91
C PRO F 20 -1.58 -34.54 -22.98
N VAL F 21 -2.75 -33.94 -22.72
CA VAL F 21 -2.93 -32.49 -22.79
C VAL F 21 -3.12 -31.89 -21.39
N MET F 22 -2.55 -30.69 -21.19
CA MET F 22 -2.69 -29.98 -19.94
C MET F 22 -3.14 -28.55 -20.22
N VAL F 23 -4.43 -28.30 -20.04
CA VAL F 23 -5.00 -26.98 -20.27
C VAL F 23 -4.94 -26.15 -18.99
N ASP F 24 -4.52 -24.90 -19.13
CA ASP F 24 -4.57 -23.96 -18.01
C ASP F 24 -5.71 -22.96 -18.21
N PHE F 25 -6.75 -23.11 -17.40
CA PHE F 25 -7.83 -22.13 -17.36
C PHE F 25 -7.39 -20.96 -16.49
N TRP F 26 -7.39 -19.76 -17.08
CA TRP F 26 -6.93 -18.57 -16.38
C TRP F 26 -7.74 -17.33 -16.77
N ALA F 27 -7.56 -16.26 -16.00
CA ALA F 27 -8.14 -14.94 -16.31
C ALA F 27 -7.08 -13.86 -16.14
N PRO F 28 -6.97 -12.92 -17.10
CA PRO F 28 -5.89 -11.92 -17.05
C PRO F 28 -5.91 -11.14 -15.75
N TRP F 29 -7.11 -11.00 -15.18
CA TRP F 29 -7.31 -10.17 -14.00
C TRP F 29 -7.48 -10.98 -12.72
N CYS F 30 -6.85 -12.16 -12.68
CA CYS F 30 -6.85 -13.00 -11.49
C CYS F 30 -5.45 -13.20 -10.91
N GLY F 31 -5.35 -13.07 -9.59
CA GLY F 31 -4.11 -13.23 -8.86
C GLY F 31 -3.41 -14.56 -9.08
N PRO F 32 -3.92 -15.64 -8.47
CA PRO F 32 -3.36 -16.97 -8.63
C PRO F 32 -2.98 -17.30 -10.08
N SER F 33 -3.78 -16.85 -11.04
CA SER F 33 -3.50 -17.05 -12.47
C SER F 33 -2.12 -16.54 -12.89
N LYS F 34 -1.49 -15.73 -12.04
CA LYS F 34 -0.16 -15.20 -12.30
C LYS F 34 0.96 -15.96 -11.60
N LEU F 35 0.63 -16.68 -10.52
CA LEU F 35 1.64 -17.49 -9.83
C LEU F 35 1.90 -18.83 -10.52
N ILE F 36 0.86 -19.39 -11.15
CA ILE F 36 1.02 -20.63 -11.92
C ILE F 36 1.57 -20.38 -13.31
N ALA F 37 1.21 -19.23 -13.90
CA ALA F 37 1.65 -18.87 -15.24
C ALA F 37 3.12 -19.29 -15.55
N PRO F 38 4.08 -18.92 -14.68
CA PRO F 38 5.45 -19.41 -14.91
C PRO F 38 5.66 -20.91 -14.64
N VAL F 39 4.93 -21.47 -13.68
CA VAL F 39 5.01 -22.90 -13.37
C VAL F 39 4.48 -23.72 -14.54
N ILE F 40 3.41 -23.24 -15.18
CA ILE F 40 2.91 -23.81 -16.43
C ILE F 40 4.01 -23.67 -17.48
N ASP F 41 4.53 -22.45 -17.62
CA ASP F 41 5.57 -22.14 -18.60
C ASP F 41 6.81 -23.01 -18.42
N GLU F 42 7.16 -23.28 -17.16
CA GLU F 42 8.34 -24.08 -16.82
C GLU F 42 8.17 -25.54 -17.24
N LEU F 43 6.95 -26.06 -17.10
CA LEU F 43 6.68 -27.46 -17.40
C LEU F 43 6.63 -27.73 -18.90
N ALA F 44 6.04 -26.81 -19.65
CA ALA F 44 5.90 -26.94 -21.11
C ALA F 44 7.25 -27.18 -21.82
N LYS F 45 8.30 -26.56 -21.31
CA LYS F 45 9.65 -26.71 -21.85
C LYS F 45 10.32 -27.97 -21.31
N GLU F 46 10.00 -28.33 -20.08
CA GLU F 46 10.57 -29.52 -19.44
C GLU F 46 10.07 -30.81 -20.08
N TYR F 47 8.79 -30.82 -20.45
CA TYR F 47 8.16 -31.99 -21.05
C TYR F 47 7.76 -31.74 -22.50
N SER F 48 8.63 -31.04 -23.25
CA SER F 48 8.42 -30.81 -24.67
C SER F 48 8.26 -32.14 -25.40
N GLY F 49 7.25 -32.22 -26.26
CA GLY F 49 6.97 -33.45 -27.00
C GLY F 49 6.28 -34.52 -26.16
N LYS F 50 6.71 -34.66 -24.90
CA LYS F 50 6.10 -35.61 -23.98
C LYS F 50 4.62 -35.30 -23.67
N ILE F 51 4.32 -34.01 -23.44
CA ILE F 51 2.94 -33.52 -23.31
C ILE F 51 2.75 -32.17 -24.01
N ALA F 52 1.55 -31.92 -24.52
CA ALA F 52 1.21 -30.62 -25.11
C ALA F 52 0.45 -29.73 -24.11
N VAL F 53 0.92 -28.51 -23.95
CA VAL F 53 0.39 -27.56 -22.96
C VAL F 53 -0.30 -26.37 -23.65
N TYR F 54 -1.48 -25.99 -23.15
CA TYR F 54 -2.20 -24.83 -23.67
C TYR F 54 -2.84 -23.98 -22.59
N LYS F 55 -2.82 -22.66 -22.80
CA LYS F 55 -3.52 -21.71 -21.94
C LYS F 55 -4.90 -21.38 -22.52
N LEU F 56 -5.95 -21.60 -21.75
CA LEU F 56 -7.29 -21.19 -22.17
C LEU F 56 -7.83 -20.09 -21.28
N ASN F 57 -7.99 -18.91 -21.86
CA ASN F 57 -8.54 -17.75 -21.17
C ASN F 57 -10.07 -17.83 -21.07
N THR F 58 -10.59 -17.73 -19.84
CA THR F 58 -12.03 -17.83 -19.59
C THR F 58 -12.86 -16.69 -20.19
N ASP F 59 -12.22 -15.52 -20.34
CA ASP F 59 -12.86 -14.34 -20.93
C ASP F 59 -13.04 -14.44 -22.45
N GLU F 60 -12.01 -14.93 -23.14
CA GLU F 60 -12.08 -15.10 -24.60
C GLU F 60 -12.96 -16.26 -25.02
N ALA F 61 -12.95 -17.35 -24.25
CA ALA F 61 -13.67 -18.57 -24.61
C ALA F 61 -14.68 -19.03 -23.55
N PRO F 62 -15.85 -18.36 -23.47
CA PRO F 62 -16.85 -18.70 -22.46
C PRO F 62 -17.52 -20.05 -22.73
N GLY F 63 -17.66 -20.42 -24.00
CA GLY F 63 -18.29 -21.68 -24.39
C GLY F 63 -17.62 -22.88 -23.75
N ILE F 64 -16.29 -22.88 -23.77
CA ILE F 64 -15.49 -23.95 -23.19
C ILE F 64 -15.65 -24.05 -21.67
N ALA F 65 -15.46 -22.93 -20.98
CA ALA F 65 -15.60 -22.87 -19.52
C ALA F 65 -16.96 -23.36 -19.10
N THR F 66 -18.00 -22.95 -19.83
CA THR F 66 -19.35 -23.43 -19.62
C THR F 66 -19.43 -24.93 -19.95
N GLN F 67 -18.71 -25.35 -20.99
CA GLN F 67 -18.82 -26.73 -21.50
C GLN F 67 -18.24 -27.75 -20.52
N TYR F 68 -17.28 -27.31 -19.72
CA TYR F 68 -16.66 -28.18 -18.71
C TYR F 68 -16.94 -27.71 -17.29
N ASN F 69 -17.89 -26.77 -17.16
CA ASN F 69 -18.29 -26.17 -15.87
C ASN F 69 -17.13 -25.72 -14.97
N ILE F 70 -16.18 -25.01 -15.55
CA ILE F 70 -15.10 -24.37 -14.81
C ILE F 70 -15.70 -23.30 -13.90
N ARG F 71 -15.40 -23.39 -12.60
CA ARG F 71 -15.92 -22.43 -11.64
C ARG F 71 -14.77 -21.65 -11.02
N SER F 72 -14.13 -22.21 -9.99
CA SER F 72 -12.98 -21.57 -9.36
C SER F 72 -11.79 -21.55 -10.32
N ILE F 73 -11.17 -20.38 -10.47
CA ILE F 73 -10.00 -20.27 -11.35
C ILE F 73 -8.76 -19.71 -10.62
N PRO F 74 -7.56 -20.21 -10.97
CA PRO F 74 -7.26 -21.15 -12.06
C PRO F 74 -7.65 -22.60 -11.77
N THR F 75 -7.93 -23.31 -12.85
CA THR F 75 -8.12 -24.75 -12.84
C THR F 75 -7.24 -25.34 -13.92
N VAL F 76 -6.40 -26.29 -13.54
CA VAL F 76 -5.62 -27.04 -14.51
C VAL F 76 -6.38 -28.32 -14.83
N LEU F 77 -6.63 -28.55 -16.12
CA LEU F 77 -7.36 -29.72 -16.57
C LEU F 77 -6.43 -30.66 -17.35
N PHE F 78 -6.74 -31.95 -17.30
CA PHE F 78 -5.93 -32.96 -17.98
C PHE F 78 -6.73 -33.80 -18.95
N PHE F 79 -6.27 -33.85 -20.20
CA PHE F 79 -6.91 -34.66 -21.24
C PHE F 79 -5.99 -35.73 -21.83
N LYS F 80 -6.40 -36.98 -21.72
CA LYS F 80 -5.72 -38.10 -22.39
C LYS F 80 -6.73 -38.81 -23.29
N ASN F 81 -6.49 -38.72 -24.61
CA ASN F 81 -7.38 -39.28 -25.62
C ASN F 81 -8.80 -38.74 -25.51
N GLY F 82 -8.91 -37.42 -25.59
CA GLY F 82 -10.20 -36.70 -25.57
C GLY F 82 -11.04 -36.85 -24.31
N GLU F 83 -10.48 -37.52 -23.30
CA GLU F 83 -11.19 -37.79 -22.06
C GLU F 83 -10.73 -36.89 -20.91
N ARG F 84 -11.70 -36.36 -20.15
CA ARG F 84 -11.41 -35.51 -19.00
C ARG F 84 -10.96 -36.38 -17.83
N LYS F 85 -9.67 -36.30 -17.52
CA LYS F 85 -9.06 -37.19 -16.54
C LYS F 85 -8.89 -36.57 -15.15
N GLU F 86 -8.37 -35.35 -15.09
CA GLU F 86 -8.10 -34.73 -13.80
C GLU F 86 -8.50 -33.26 -13.77
N SER F 87 -9.08 -32.85 -12.65
CA SER F 87 -9.38 -31.45 -12.41
C SER F 87 -8.70 -30.99 -11.13
N ILE F 88 -7.71 -30.11 -11.27
CA ILE F 88 -7.01 -29.54 -10.11
C ILE F 88 -7.23 -28.03 -10.04
N ILE F 89 -7.59 -27.56 -8.85
CA ILE F 89 -8.04 -26.18 -8.64
C ILE F 89 -7.02 -25.37 -7.83
N GLY F 90 -6.88 -24.09 -8.17
CA GLY F 90 -6.03 -23.18 -7.40
C GLY F 90 -4.61 -23.03 -7.91
N ALA F 91 -3.78 -22.36 -7.12
CA ALA F 91 -2.38 -22.16 -7.48
C ALA F 91 -1.54 -23.30 -6.94
N VAL F 92 -1.70 -24.46 -7.57
CA VAL F 92 -1.01 -25.69 -7.17
C VAL F 92 0.47 -25.64 -7.55
N PRO F 93 1.34 -26.12 -6.65
CA PRO F 93 2.78 -26.08 -6.93
C PRO F 93 3.19 -27.03 -8.06
N LYS F 94 4.32 -26.73 -8.68
CA LYS F 94 4.93 -27.52 -9.75
C LYS F 94 4.91 -29.02 -9.45
N SER F 95 5.20 -29.36 -8.20
CA SER F 95 5.30 -30.76 -7.75
C SER F 95 4.03 -31.57 -7.98
N THR F 96 2.87 -30.98 -7.69
CA THR F 96 1.59 -31.68 -7.83
C THR F 96 1.24 -31.86 -9.31
N LEU F 97 1.58 -30.86 -10.11
CA LEU F 97 1.39 -30.91 -11.55
C LEU F 97 2.34 -31.94 -12.17
N THR F 98 3.56 -32.01 -11.62
CA THR F 98 4.54 -33.03 -12.01
C THR F 98 4.02 -34.45 -11.76
N ASP F 99 3.56 -34.71 -10.54
CA ASP F 99 3.02 -36.02 -10.15
C ASP F 99 1.90 -36.50 -11.08
N SER F 100 1.13 -35.55 -11.62
CA SER F 100 0.03 -35.85 -12.54
C SER F 100 0.50 -36.20 -13.94
N ILE F 101 1.57 -35.55 -14.39
CA ILE F 101 2.12 -35.76 -15.73
C ILE F 101 2.64 -37.19 -15.93
N GLU F 102 3.27 -37.75 -14.90
CA GLU F 102 3.77 -39.13 -14.94
C GLU F 102 2.68 -40.19 -14.91
N LYS F 103 1.54 -39.87 -14.29
CA LYS F 103 0.38 -40.75 -14.24
C LYS F 103 -0.28 -40.92 -15.62
N TYR F 104 0.18 -40.11 -16.58
CA TYR F 104 -0.25 -40.24 -17.98
C TYR F 104 0.96 -40.32 -18.92
N LEU F 105 1.44 -41.54 -19.14
CA LEU F 105 2.59 -41.77 -20.02
C LEU F 105 2.55 -43.14 -20.74
#